data_3LEC
#
_entry.id   3LEC
#
_cell.length_a   56.444
_cell.length_b   62.871
_cell.length_c   61.784
_cell.angle_alpha   90.000
_cell.angle_beta   107.770
_cell.angle_gamma   90.000
#
_symmetry.space_group_name_H-M   'C 1 2 1'
#
loop_
_entity.id
_entity.type
_entity.pdbx_description
1 polymer 'NADB-Rossmann Superfamily protein'
2 non-polymer 'ZINC ION'
3 non-polymer 'SULFATE ION'
4 water water
#
_entity_poly.entity_id   1
_entity_poly.type   'polypeptide(L)'
_entity_poly.pdbx_seq_one_letter_code
;SNA(MSE)DLQLSKRLQKVANYVPKGARLLDVGSDHAYLPIFLLQ(MSE)GYCDFAIAGEVVNGPYQSALKNVSEHGLTS
KIDVRLANGLSAFEEADNIDTITICG(MSE)GGRLIADILNNDIDKLQHVKTLVLQPNNREDDLRKWLAANDFEIVAEDI
LTENDKRYEILVVKHGH(MSE)NLTAKELRFGPFLLSNNTTVFKEKWQNELNKLTFALNSIPNSK(MSE)EERAILEDKI
QDIKEVLDES
;
_entity_poly.pdbx_strand_id   A
#
# COMPACT_ATOMS: atom_id res chain seq x y z
N ASN A 2 -14.71 -20.70 -13.98
CA ASN A 2 -13.46 -21.52 -14.15
C ASN A 2 -12.85 -21.94 -12.81
N ALA A 3 -12.59 -23.24 -12.67
CA ALA A 3 -12.02 -23.80 -11.44
C ALA A 3 -10.70 -23.17 -10.95
N ASP A 5 -9.97 -20.02 -11.27
CA ASP A 5 -10.20 -18.65 -10.82
C ASP A 5 -9.97 -18.55 -9.30
N LEU A 6 -9.23 -17.53 -8.88
CA LEU A 6 -9.00 -17.36 -7.47
C LEU A 6 -9.79 -16.19 -6.92
N GLN A 7 -10.15 -16.31 -5.65
CA GLN A 7 -10.86 -15.31 -4.92
C GLN A 7 -9.86 -14.67 -3.98
N LEU A 8 -9.64 -13.37 -4.16
CA LEU A 8 -8.71 -12.60 -3.32
C LEU A 8 -9.28 -12.32 -1.93
N SER A 9 -8.39 -12.16 -0.97
CA SER A 9 -8.76 -11.63 0.35
C SER A 9 -9.40 -10.23 0.15
N LYS A 10 -10.20 -9.74 1.12
CA LYS A 10 -10.73 -8.38 0.98
C LYS A 10 -9.64 -7.33 0.74
N ARG A 11 -8.56 -7.47 1.50
CA ARG A 11 -7.47 -6.54 1.45
C ARG A 11 -6.92 -6.44 0.03
N LEU A 12 -6.60 -7.59 -0.56
CA LEU A 12 -6.03 -7.59 -1.90
C LEU A 12 -7.08 -7.28 -2.98
N GLN A 13 -8.33 -7.68 -2.75
CA GLN A 13 -9.43 -7.36 -3.68
C GLN A 13 -9.61 -5.87 -3.79
N LYS A 14 -9.60 -5.19 -2.65
CA LYS A 14 -9.76 -3.73 -2.64
C LYS A 14 -8.57 -3.00 -3.30
N VAL A 15 -7.38 -3.58 -3.23
CA VAL A 15 -6.26 -3.11 -4.07
C VAL A 15 -6.56 -3.36 -5.57
N ALA A 16 -6.92 -4.59 -5.94
CA ALA A 16 -7.24 -4.93 -7.35
C ALA A 16 -8.29 -3.99 -7.95
N ASN A 17 -9.28 -3.58 -7.14
CA ASN A 17 -10.39 -2.73 -7.63
C ASN A 17 -9.88 -1.38 -8.15
N TYR A 18 -8.71 -0.95 -7.69
CA TYR A 18 -8.10 0.33 -8.08
C TYR A 18 -7.07 0.25 -9.20
N VAL A 19 -6.77 -0.95 -9.68
CA VAL A 19 -5.82 -1.12 -10.77
C VAL A 19 -6.58 -0.84 -12.05
N PRO A 20 -6.08 0.12 -12.85
CA PRO A 20 -6.77 0.51 -14.07
C PRO A 20 -6.90 -0.68 -15.02
N LYS A 21 -8.02 -0.75 -15.72
CA LYS A 21 -8.19 -1.73 -16.80
C LYS A 21 -7.06 -1.62 -17.83
N GLY A 22 -6.53 -2.77 -18.25
CA GLY A 22 -5.50 -2.81 -19.28
C GLY A 22 -4.10 -2.48 -18.74
N ALA A 23 -3.97 -2.28 -17.42
CA ALA A 23 -2.67 -1.94 -16.83
C ALA A 23 -1.60 -2.99 -17.13
N ARG A 24 -0.36 -2.51 -17.16
CA ARG A 24 0.81 -3.36 -17.18
C ARG A 24 1.43 -3.07 -15.83
N LEU A 25 1.43 -4.09 -14.96
CA LEU A 25 1.55 -3.91 -13.51
C LEU A 25 2.82 -4.56 -13.00
N LEU A 26 3.51 -3.88 -12.10
CA LEU A 26 4.50 -4.53 -11.22
C LEU A 26 3.96 -4.61 -9.79
N ASP A 27 3.95 -5.84 -9.25
CA ASP A 27 3.57 -6.09 -7.85
C ASP A 27 4.85 -6.37 -7.09
N VAL A 28 5.26 -5.41 -6.26
CA VAL A 28 6.53 -5.50 -5.56
C VAL A 28 6.37 -6.33 -4.29
N GLY A 29 7.15 -7.40 -4.19
CA GLY A 29 7.05 -8.35 -3.07
C GLY A 29 5.69 -9.01 -3.07
N SER A 30 5.27 -9.42 -4.27
CA SER A 30 3.97 -10.00 -4.51
C SER A 30 3.67 -11.13 -3.53
N ASP A 31 2.47 -11.08 -2.96
CA ASP A 31 2.01 -12.11 -2.05
C ASP A 31 1.62 -13.33 -2.90
N HIS A 32 2.59 -14.23 -3.12
CA HIS A 32 2.36 -15.48 -3.82
C HIS A 32 1.84 -15.28 -5.27
N ALA A 33 2.01 -14.06 -5.79
CA ALA A 33 1.47 -13.63 -7.09
C ALA A 33 -0.05 -13.71 -7.21
N TYR A 34 -0.75 -13.75 -6.08
CA TYR A 34 -2.20 -13.84 -6.14
C TYR A 34 -2.86 -12.71 -6.91
N LEU A 35 -2.50 -11.50 -6.54
CA LEU A 35 -3.04 -10.31 -7.16
C LEU A 35 -2.75 -10.26 -8.69
N PRO A 36 -1.49 -10.43 -9.11
CA PRO A 36 -1.31 -10.52 -10.57
C PRO A 36 -2.12 -11.67 -11.24
N ILE A 37 -2.22 -12.84 -10.60
CA ILE A 37 -3.01 -13.94 -11.18
C ILE A 37 -4.49 -13.57 -11.32
N PHE A 38 -5.05 -12.94 -10.29
CA PHE A 38 -6.43 -12.52 -10.36
C PHE A 38 -6.64 -11.60 -11.56
N LEU A 39 -5.77 -10.61 -11.69
CA LEU A 39 -5.95 -9.55 -12.67
C LEU A 39 -5.78 -10.10 -14.07
N LEU A 40 -4.80 -11.00 -14.25
CA LEU A 40 -4.55 -11.61 -15.55
C LEU A 40 -5.57 -12.67 -15.95
N GLN A 41 -6.03 -13.49 -14.98
CA GLN A 41 -7.01 -14.52 -15.31
C GLN A 41 -8.34 -13.89 -15.72
N GLY A 43 -8.60 -11.09 -17.33
CA GLY A 43 -8.29 -10.19 -18.44
C GLY A 43 -8.31 -8.71 -18.11
N TYR A 44 -8.30 -8.38 -16.81
CA TYR A 44 -8.39 -6.98 -16.36
C TYR A 44 -7.10 -6.18 -16.51
N CYS A 45 -5.98 -6.89 -16.64
CA CYS A 45 -4.72 -6.25 -16.96
C CYS A 45 -4.12 -6.95 -18.16
N ASP A 46 -3.16 -6.28 -18.80
CA ASP A 46 -2.53 -6.78 -20.00
C ASP A 46 -1.30 -7.62 -19.71
N PHE A 47 -0.60 -7.32 -18.62
CA PHE A 47 0.71 -7.89 -18.30
C PHE A 47 1.05 -7.56 -16.86
N ALA A 48 1.77 -8.47 -16.20
CA ALA A 48 2.23 -8.20 -14.85
C ALA A 48 3.59 -8.83 -14.56
N ILE A 49 4.31 -8.24 -13.61
CA ILE A 49 5.55 -8.80 -13.04
C ILE A 49 5.30 -8.97 -11.56
N ALA A 50 5.64 -10.15 -11.05
CA ALA A 50 5.62 -10.40 -9.62
C ALA A 50 7.07 -10.31 -9.17
N GLY A 51 7.40 -9.27 -8.41
CA GLY A 51 8.77 -9.01 -8.00
C GLY A 51 9.01 -9.60 -6.62
N GLU A 52 10.04 -10.43 -6.50
CA GLU A 52 10.29 -11.09 -5.24
C GLU A 52 11.74 -10.83 -4.90
N VAL A 53 12.04 -10.81 -3.61
CA VAL A 53 13.33 -10.39 -3.12
C VAL A 53 14.24 -11.55 -2.69
N VAL A 54 13.65 -12.67 -2.31
CA VAL A 54 14.44 -13.87 -1.93
C VAL A 54 13.84 -15.14 -2.55
N ASN A 55 14.61 -16.23 -2.51
CA ASN A 55 14.27 -17.43 -3.28
C ASN A 55 12.93 -18.13 -2.98
N GLY A 56 12.60 -18.33 -1.71
CA GLY A 56 11.33 -18.95 -1.35
C GLY A 56 10.12 -18.34 -2.04
N PRO A 57 9.84 -17.05 -1.75
CA PRO A 57 8.70 -16.37 -2.35
C PRO A 57 8.80 -16.38 -3.85
N TYR A 58 10.01 -16.25 -4.37
CA TYR A 58 10.23 -16.29 -5.83
C TYR A 58 9.74 -17.62 -6.37
N GLN A 59 10.14 -18.73 -5.74
CA GLN A 59 9.74 -20.05 -6.21
C GLN A 59 8.22 -20.27 -6.11
N SER A 60 7.63 -19.79 -5.00
CA SER A 60 6.19 -19.84 -4.77
CA SER A 60 6.20 -19.90 -4.80
C SER A 60 5.40 -19.16 -5.88
N ALA A 61 5.76 -17.91 -6.16
CA ALA A 61 5.09 -17.14 -7.19
C ALA A 61 5.26 -17.83 -8.56
N LEU A 62 6.48 -18.27 -8.85
CA LEU A 62 6.73 -18.99 -10.10
C LEU A 62 5.81 -20.17 -10.25
N LYS A 63 5.73 -21.01 -9.21
CA LYS A 63 4.90 -22.21 -9.27
C LYS A 63 3.43 -21.85 -9.46
N ASN A 64 2.98 -20.83 -8.74
CA ASN A 64 1.57 -20.44 -8.79
C ASN A 64 1.21 -19.92 -10.17
N VAL A 65 2.05 -19.06 -10.74
CA VAL A 65 1.79 -18.52 -12.09
C VAL A 65 1.68 -19.68 -13.10
N SER A 66 2.57 -20.65 -12.94
CA SER A 66 2.65 -21.78 -13.87
C SER A 66 1.39 -22.65 -13.80
N GLU A 67 0.99 -22.99 -12.57
CA GLU A 67 -0.19 -23.82 -12.30
C GLU A 67 -1.46 -23.16 -12.84
N HIS A 68 -1.50 -21.84 -12.75
CA HIS A 68 -2.64 -21.07 -13.21
C HIS A 68 -2.61 -20.81 -14.71
N GLY A 69 -1.52 -21.28 -15.35
CA GLY A 69 -1.41 -21.23 -16.81
C GLY A 69 -1.23 -19.80 -17.31
N LEU A 70 -0.43 -19.01 -16.60
CA LEU A 70 -0.25 -17.60 -16.93
C LEU A 70 1.19 -17.16 -17.19
N THR A 71 2.07 -18.13 -17.43
CA THR A 71 3.50 -17.82 -17.61
C THR A 71 3.78 -16.85 -18.75
N SER A 72 2.94 -16.85 -19.79
CA SER A 72 3.09 -15.93 -20.93
CA SER A 72 3.10 -15.94 -20.92
C SER A 72 2.69 -14.50 -20.57
N LYS A 73 1.87 -14.36 -19.54
CA LYS A 73 1.32 -13.05 -19.20
C LYS A 73 1.86 -12.48 -17.89
N ILE A 74 2.57 -13.30 -17.11
CA ILE A 74 3.10 -12.84 -15.83
C ILE A 74 4.56 -13.24 -15.65
N ASP A 75 5.42 -12.25 -15.56
CA ASP A 75 6.85 -12.50 -15.30
C ASP A 75 7.08 -12.52 -13.81
N VAL A 76 7.91 -13.46 -13.36
CA VAL A 76 8.23 -13.52 -11.95
C VAL A 76 9.72 -13.28 -11.90
N ARG A 77 10.13 -12.30 -11.11
CA ARG A 77 11.53 -11.88 -11.09
C ARG A 77 12.10 -11.79 -9.69
N LEU A 78 13.37 -12.18 -9.56
CA LEU A 78 14.07 -12.09 -8.28
C LEU A 78 14.94 -10.86 -8.36
N ALA A 79 14.49 -9.79 -7.73
CA ALA A 79 15.18 -8.51 -7.82
C ALA A 79 14.81 -7.60 -6.67
N ASN A 80 15.76 -6.75 -6.29
CA ASN A 80 15.57 -5.80 -5.19
C ASN A 80 14.62 -4.67 -5.55
N GLY A 81 13.47 -4.66 -4.89
CA GLY A 81 12.44 -3.62 -5.11
C GLY A 81 12.15 -3.33 -6.55
N LEU A 82 12.27 -2.05 -6.91
CA LEU A 82 11.83 -1.63 -8.21
C LEU A 82 12.77 -2.05 -9.35
N SER A 83 13.89 -2.70 -9.04
CA SER A 83 14.78 -3.28 -10.06
CA SER A 83 14.75 -3.22 -10.11
C SER A 83 14.10 -4.44 -10.78
N ALA A 84 12.94 -4.87 -10.25
CA ALA A 84 12.17 -5.97 -10.85
C ALA A 84 11.56 -5.56 -12.19
N PHE A 85 11.67 -4.30 -12.58
CA PHE A 85 11.21 -3.92 -13.94
C PHE A 85 12.19 -3.04 -14.71
N GLU A 86 11.96 -2.95 -16.02
CA GLU A 86 12.84 -2.21 -16.93
C GLU A 86 11.97 -1.37 -17.85
N GLU A 87 12.58 -0.39 -18.51
CA GLU A 87 11.86 0.37 -19.56
C GLU A 87 11.07 -0.49 -20.57
N ALA A 88 11.71 -1.56 -21.07
CA ALA A 88 11.14 -2.43 -22.09
C ALA A 88 9.85 -3.10 -21.66
N ASP A 89 9.60 -3.10 -20.35
CA ASP A 89 8.43 -3.75 -19.78
C ASP A 89 7.19 -2.89 -19.93
N ASN A 90 7.40 -1.59 -20.12
CA ASN A 90 6.31 -0.62 -20.30
C ASN A 90 5.28 -0.69 -19.17
N ILE A 91 5.76 -0.68 -17.92
CA ILE A 91 4.89 -0.72 -16.74
C ILE A 91 4.29 0.66 -16.50
N ASP A 92 2.98 0.70 -16.26
CA ASP A 92 2.30 1.95 -15.97
C ASP A 92 1.74 1.95 -14.56
N THR A 93 1.73 0.79 -13.90
CA THR A 93 1.17 0.70 -12.54
C THR A 93 2.02 -0.16 -11.61
N ILE A 94 2.19 0.29 -10.38
CA ILE A 94 2.96 -0.44 -9.35
C ILE A 94 2.07 -0.62 -8.12
N THR A 95 2.02 -1.85 -7.60
CA THR A 95 1.37 -2.10 -6.32
C THR A 95 2.43 -2.53 -5.29
N ILE A 96 2.31 -2.03 -4.07
CA ILE A 96 3.16 -2.50 -2.96
C ILE A 96 2.28 -2.68 -1.75
N CYS A 97 2.15 -3.92 -1.27
CA CYS A 97 1.19 -4.21 -0.18
C CYS A 97 1.86 -4.99 0.93
N GLY A 98 1.24 -4.99 2.11
CA GLY A 98 1.65 -5.85 3.22
C GLY A 98 3.02 -5.55 3.83
N GLY A 100 5.16 -2.13 6.09
CA GLY A 100 5.01 -0.89 6.84
C GLY A 100 5.18 0.34 5.97
N GLY A 101 4.56 1.45 6.37
CA GLY A 101 4.64 2.66 5.54
C GLY A 101 6.03 3.21 5.35
N ARG A 102 6.89 3.06 6.38
CA ARG A 102 8.26 3.52 6.24
C ARG A 102 8.98 2.69 5.20
N LEU A 103 8.73 1.38 5.24
CA LEU A 103 9.39 0.47 4.31
C LEU A 103 8.97 0.76 2.90
N ILE A 104 7.67 0.96 2.68
CA ILE A 104 7.20 1.29 1.35
C ILE A 104 7.86 2.57 0.86
N ALA A 105 7.89 3.58 1.72
CA ALA A 105 8.46 4.87 1.34
C ALA A 105 9.95 4.70 0.96
N ASP A 106 10.64 3.86 1.73
CA ASP A 106 12.05 3.56 1.45
C ASP A 106 12.31 2.87 0.13
N ILE A 107 11.48 1.89 -0.20
CA ILE A 107 11.58 1.17 -1.47
C ILE A 107 11.33 2.16 -2.62
N LEU A 108 10.35 3.04 -2.44
CA LEU A 108 10.05 4.06 -3.43
C LEU A 108 11.19 5.07 -3.59
N ASN A 109 11.72 5.53 -2.45
CA ASN A 109 12.80 6.53 -2.44
C ASN A 109 14.09 5.99 -3.07
N ASN A 110 14.46 4.77 -2.73
CA ASN A 110 15.66 4.12 -3.27
C ASN A 110 15.69 4.02 -4.78
N ASP A 111 14.50 3.96 -5.39
CA ASP A 111 14.37 3.84 -6.83
C ASP A 111 13.45 4.89 -7.43
N ILE A 112 13.48 6.08 -6.86
CA ILE A 112 12.58 7.16 -7.27
C ILE A 112 12.65 7.49 -8.78
N ASP A 113 13.84 7.44 -9.35
CA ASP A 113 13.98 7.71 -10.79
C ASP A 113 13.14 6.77 -11.66
N LYS A 114 13.00 5.52 -11.22
CA LYS A 114 12.21 4.52 -11.97
C LYS A 114 10.70 4.81 -12.02
N LEU A 115 10.23 5.73 -11.19
CA LEU A 115 8.81 6.01 -11.13
C LEU A 115 8.42 7.04 -12.18
N GLN A 116 9.42 7.59 -12.86
CA GLN A 116 9.19 8.72 -13.77
C GLN A 116 8.10 8.41 -14.80
N HIS A 117 8.08 7.19 -15.31
CA HIS A 117 7.07 6.78 -16.30
C HIS A 117 5.90 5.92 -15.76
N VAL A 118 5.82 5.78 -14.43
CA VAL A 118 4.72 5.04 -13.83
C VAL A 118 3.55 6.00 -13.57
N LYS A 119 2.36 5.66 -14.07
CA LYS A 119 1.19 6.52 -13.94
C LYS A 119 0.39 6.38 -12.65
N THR A 120 0.29 5.16 -12.12
CA THR A 120 -0.53 4.88 -10.93
C THR A 120 0.21 3.97 -9.94
N LEU A 121 0.11 4.30 -8.65
CA LEU A 121 0.55 3.38 -7.61
C LEU A 121 -0.62 3.08 -6.71
N VAL A 122 -0.77 1.81 -6.33
CA VAL A 122 -1.72 1.41 -5.29
C VAL A 122 -0.89 0.82 -4.16
N LEU A 123 -0.98 1.42 -2.98
CA LEU A 123 -0.08 1.14 -1.88
C LEU A 123 -0.93 0.76 -0.67
N GLN A 124 -0.60 -0.38 -0.08
CA GLN A 124 -1.33 -0.84 1.09
C GLN A 124 -0.31 -0.98 2.23
N PRO A 125 -0.10 0.10 2.99
CA PRO A 125 0.78 0.03 4.15
C PRO A 125 0.09 -0.67 5.31
N ASN A 126 0.85 -1.40 6.11
CA ASN A 126 0.29 -2.04 7.31
C ASN A 126 0.24 -1.13 8.53
N ASN A 127 1.05 -0.07 8.49
CA ASN A 127 1.23 0.85 9.62
C ASN A 127 2.03 2.04 9.14
N ARG A 128 2.28 3.01 10.05
CA ARG A 128 3.08 4.21 9.73
C ARG A 128 2.64 4.84 8.41
N GLU A 129 1.33 4.89 8.22
CA GLU A 129 0.74 5.43 7.01
C GLU A 129 1.12 6.89 6.86
N ASP A 130 1.24 7.58 7.98
CA ASP A 130 1.58 9.00 7.96
C ASP A 130 2.98 9.25 7.39
N ASP A 131 3.93 8.36 7.69
CA ASP A 131 5.27 8.46 7.13
C ASP A 131 5.28 8.27 5.61
N LEU A 132 4.43 7.39 5.12
CA LEU A 132 4.30 7.18 3.68
C LEU A 132 3.64 8.41 3.04
N ARG A 133 2.57 8.93 3.64
CA ARG A 133 1.98 10.17 3.15
C ARG A 133 3.00 11.32 3.10
N LYS A 134 3.88 11.40 4.11
CA LYS A 134 4.86 12.48 4.15
C LYS A 134 5.83 12.38 2.99
N TRP A 135 6.22 11.16 2.68
CA TRP A 135 7.15 10.92 1.59
C TRP A 135 6.48 11.23 0.26
N LEU A 136 5.22 10.81 0.09
CA LEU A 136 4.49 11.09 -1.13
C LEU A 136 4.39 12.60 -1.36
N ALA A 137 3.98 13.32 -0.32
CA ALA A 137 3.82 14.80 -0.42
C ALA A 137 5.10 15.51 -0.80
N ALA A 138 6.22 15.04 -0.26
CA ALA A 138 7.52 15.68 -0.46
C ALA A 138 8.12 15.39 -1.83
N ASN A 139 7.57 14.39 -2.54
CA ASN A 139 8.17 13.95 -3.80
C ASN A 139 7.28 14.04 -5.03
N ASP A 140 6.33 14.99 -5.00
CA ASP A 140 5.53 15.28 -6.18
C ASP A 140 4.64 14.06 -6.57
N PHE A 141 4.18 13.33 -5.55
CA PHE A 141 3.07 12.40 -5.70
C PHE A 141 1.81 12.91 -5.03
N GLU A 142 0.66 12.49 -5.55
CA GLU A 142 -0.63 12.93 -5.07
C GLU A 142 -1.54 11.73 -4.82
N ILE A 143 -2.16 11.70 -3.64
CA ILE A 143 -3.17 10.71 -3.32
C ILE A 143 -4.47 11.14 -3.99
N VAL A 144 -5.08 10.25 -4.77
CA VAL A 144 -6.33 10.56 -5.49
C VAL A 144 -7.54 9.77 -5.03
N ALA A 145 -7.29 8.72 -4.24
CA ALA A 145 -8.30 7.99 -3.52
C ALA A 145 -7.69 7.23 -2.34
N GLU A 146 -8.49 7.02 -1.30
CA GLU A 146 -8.11 6.15 -0.16
C GLU A 146 -9.26 5.25 0.25
N ASP A 147 -8.94 4.07 0.81
CA ASP A 147 -9.96 3.22 1.36
C ASP A 147 -9.44 2.68 2.70
N ILE A 148 -10.34 2.42 3.62
CA ILE A 148 -9.99 1.69 4.85
C ILE A 148 -10.99 0.55 4.96
N LEU A 149 -10.48 -0.65 5.24
CA LEU A 149 -11.26 -1.87 5.21
C LEU A 149 -10.96 -2.68 6.45
N THR A 150 -11.84 -3.63 6.78
CA THR A 150 -11.68 -4.52 7.94
C THR A 150 -11.59 -6.00 7.53
N GLU A 151 -10.78 -6.76 8.25
CA GLU A 151 -10.48 -8.15 7.87
C GLU A 151 -9.55 -8.85 8.86
N LYS A 154 -8.14 -6.96 11.66
CA LYS A 154 -7.36 -5.75 11.50
C LYS A 154 -8.07 -4.77 10.53
N ARG A 155 -7.75 -3.48 10.62
CA ARG A 155 -8.16 -2.54 9.58
C ARG A 155 -6.97 -2.36 8.67
N TYR A 156 -7.21 -2.17 7.38
CA TYR A 156 -6.11 -1.88 6.45
C TYR A 156 -6.47 -0.67 5.60
N GLU A 157 -5.51 0.24 5.46
CA GLU A 157 -5.65 1.42 4.60
C GLU A 157 -5.04 1.14 3.24
N ILE A 158 -5.71 1.64 2.18
CA ILE A 158 -5.18 1.60 0.83
C ILE A 158 -5.07 3.05 0.30
N LEU A 159 -3.91 3.40 -0.25
CA LEU A 159 -3.69 4.70 -0.87
C LEU A 159 -3.51 4.57 -2.38
N VAL A 160 -4.27 5.35 -3.16
CA VAL A 160 -4.15 5.33 -4.62
C VAL A 160 -3.45 6.61 -5.01
N VAL A 161 -2.40 6.50 -5.82
CA VAL A 161 -1.46 7.60 -6.00
C VAL A 161 -1.17 7.81 -7.48
N LYS A 162 -1.07 9.07 -7.87
CA LYS A 162 -0.56 9.39 -9.21
C LYS A 162 0.48 10.51 -9.06
N HIS A 163 1.22 10.81 -10.12
CA HIS A 163 2.10 11.98 -10.08
C HIS A 163 1.23 13.21 -9.86
N GLY A 164 1.72 14.15 -9.06
CA GLY A 164 1.02 15.39 -8.77
C GLY A 164 1.60 16.10 -7.57
N HIS A 165 1.45 17.41 -7.54
CA HIS A 165 1.95 18.21 -6.44
C HIS A 165 0.88 18.37 -5.37
N ASN A 167 -0.11 19.25 -1.20
CA ASN A 167 0.25 19.74 0.12
C ASN A 167 -0.73 19.12 1.07
N LEU A 168 -0.23 18.55 2.15
CA LEU A 168 -1.10 17.98 3.19
C LEU A 168 -0.85 18.60 4.56
N THR A 169 -1.93 18.83 5.32
CA THR A 169 -1.85 19.28 6.71
C THR A 169 -1.39 18.11 7.59
N ALA A 170 -0.91 18.42 8.80
CA ALA A 170 -0.55 17.38 9.76
C ALA A 170 -1.71 16.41 9.92
N LYS A 171 -2.95 16.92 10.01
CA LYS A 171 -4.13 16.06 10.16
C LYS A 171 -4.30 15.13 8.97
N GLU A 172 -4.18 15.70 7.77
CA GLU A 172 -4.35 14.94 6.54
C GLU A 172 -3.25 13.89 6.41
N LEU A 173 -2.05 14.23 6.86
CA LEU A 173 -0.95 13.28 6.82
C LEU A 173 -1.29 12.08 7.70
N ARG A 174 -1.82 12.36 8.90
CA ARG A 174 -2.03 11.31 9.90
C ARG A 174 -3.30 10.50 9.64
N PHE A 175 -4.37 11.18 9.21
CA PHE A 175 -5.67 10.53 9.05
C PHE A 175 -6.06 10.16 7.63
N GLY A 176 -5.49 10.89 6.67
CA GLY A 176 -5.76 10.65 5.24
C GLY A 176 -6.76 11.66 4.72
N PRO A 177 -6.41 12.40 3.65
CA PRO A 177 -7.27 13.43 3.12
C PRO A 177 -8.64 12.85 2.72
N PHE A 178 -8.64 11.68 2.06
CA PHE A 178 -9.88 11.04 1.61
C PHE A 178 -10.57 10.25 2.71
N LEU A 179 -9.80 9.62 3.60
CA LEU A 179 -10.40 8.89 4.74
C LEU A 179 -11.10 9.86 5.70
N LEU A 180 -10.51 11.03 5.89
CA LEU A 180 -11.14 12.08 6.72
C LEU A 180 -12.49 12.53 6.16
N SER A 181 -12.51 12.72 4.85
CA SER A 181 -13.67 13.26 4.16
C SER A 181 -14.80 12.24 4.05
N ASN A 182 -14.43 10.99 3.78
CA ASN A 182 -15.42 9.92 3.68
C ASN A 182 -16.01 9.63 5.07
N ASN A 183 -15.15 9.66 6.11
CA ASN A 183 -15.55 9.55 7.52
C ASN A 183 -16.47 8.35 7.77
N THR A 184 -16.00 7.17 7.37
CA THR A 184 -16.82 5.96 7.44
C THR A 184 -16.83 5.41 8.85
N THR A 185 -17.77 4.52 9.14
CA THR A 185 -17.78 3.77 10.41
C THR A 185 -16.43 3.09 10.72
N VAL A 186 -15.82 2.43 9.73
CA VAL A 186 -14.55 1.71 9.94
C VAL A 186 -13.47 2.69 10.38
N PHE A 187 -13.43 3.83 9.72
CA PHE A 187 -12.49 4.90 10.04
C PHE A 187 -12.64 5.38 11.50
N LYS A 188 -13.88 5.66 11.89
CA LYS A 188 -14.18 6.08 13.26
C LYS A 188 -13.75 4.98 14.24
N GLU A 189 -14.05 3.72 13.92
CA GLU A 189 -13.68 2.61 14.82
C GLU A 189 -12.17 2.50 14.95
N LYS A 190 -11.45 2.68 13.84
CA LYS A 190 -9.98 2.60 13.90
C LYS A 190 -9.42 3.65 14.85
N TRP A 191 -9.87 4.89 14.69
CA TRP A 191 -9.35 5.95 15.52
C TRP A 191 -9.89 5.93 16.96
N GLN A 192 -11.11 5.45 17.16
CA GLN A 192 -11.62 5.21 18.53
C GLN A 192 -10.68 4.22 19.23
N ASN A 193 -10.28 3.17 18.53
CA ASN A 193 -9.36 2.16 19.09
C ASN A 193 -7.97 2.71 19.42
N GLU A 194 -7.42 3.55 18.54
CA GLU A 194 -6.14 4.20 18.78
C GLU A 194 -6.22 5.11 20.00
N LEU A 195 -7.32 5.86 20.09
CA LEU A 195 -7.57 6.65 21.31
C LEU A 195 -7.49 5.83 22.60
N ASN A 196 -8.18 4.68 22.60
CA ASN A 196 -8.16 3.78 23.76
C ASN A 196 -6.74 3.39 24.13
N LYS A 197 -6.00 2.89 23.15
CA LYS A 197 -4.59 2.50 23.35
C LYS A 197 -3.72 3.65 23.85
N LEU A 198 -3.85 4.81 23.22
CA LEU A 198 -3.06 5.93 23.65
C LEU A 198 -3.41 6.35 25.08
N THR A 199 -4.68 6.18 25.44
CA THR A 199 -5.11 6.56 26.78
C THR A 199 -4.55 5.59 27.85
N PHE A 200 -4.53 4.30 27.54
CA PHE A 200 -3.81 3.33 28.37
C PHE A 200 -2.31 3.68 28.45
N ALA A 201 -1.71 4.02 27.29
CA ALA A 201 -0.29 4.36 27.19
C ALA A 201 0.07 5.57 28.08
N LEU A 202 -0.76 6.60 28.03
CA LEU A 202 -0.46 7.88 28.69
C LEU A 202 -0.57 7.71 30.20
N ASN A 203 -1.55 6.91 30.63
CA ASN A 203 -1.75 6.66 32.06
C ASN A 203 -0.73 5.66 32.62
N SER A 204 -0.01 4.99 31.71
CA SER A 204 0.99 4.02 32.14
C SER A 204 2.35 4.66 32.34
N ILE A 205 2.52 5.90 31.87
CA ILE A 205 3.82 6.55 31.88
C ILE A 205 3.93 7.57 33.04
N PRO A 206 5.07 7.61 33.75
CA PRO A 206 5.22 8.60 34.83
C PRO A 206 5.18 10.06 34.37
N ASN A 207 4.65 10.94 35.22
CA ASN A 207 4.58 12.38 34.94
C ASN A 207 5.93 13.05 34.66
N SER A 208 7.00 12.46 35.21
CA SER A 208 8.36 12.96 35.01
C SER A 208 8.78 12.88 33.55
N LYS A 209 8.23 11.91 32.82
CA LYS A 209 8.63 11.66 31.44
C LYS A 209 7.85 12.61 30.51
N GLU A 211 8.39 14.49 27.90
CA GLU A 211 8.44 14.44 26.45
C GLU A 211 7.64 13.29 25.88
N GLU A 212 7.76 12.10 26.48
CA GLU A 212 7.00 10.96 26.00
C GLU A 212 5.49 11.22 26.15
N ARG A 213 5.13 11.83 27.27
CA ARG A 213 3.75 12.17 27.56
C ARG A 213 3.24 13.23 26.57
N ALA A 214 4.06 14.24 26.28
CA ALA A 214 3.64 15.28 25.34
C ALA A 214 3.30 14.70 23.96
N ILE A 215 4.15 13.77 23.50
CA ILE A 215 3.94 13.10 22.20
C ILE A 215 2.59 12.44 22.20
N LEU A 216 2.27 11.78 23.33
CA LEU A 216 0.98 11.09 23.47
C LEU A 216 -0.17 12.07 23.54
N GLU A 217 -0.01 13.13 24.34
CA GLU A 217 -1.02 14.16 24.41
C GLU A 217 -1.30 14.78 23.03
N ASP A 218 -0.26 14.98 22.23
CA ASP A 218 -0.45 15.55 20.89
C ASP A 218 -1.31 14.63 20.02
N LYS A 219 -1.05 13.32 20.08
CA LYS A 219 -1.82 12.35 19.28
C LYS A 219 -3.26 12.27 19.77
N ILE A 220 -3.44 12.26 21.08
CA ILE A 220 -4.76 12.15 21.68
C ILE A 220 -5.64 13.32 21.25
N GLN A 221 -5.09 14.54 21.32
CA GLN A 221 -5.90 15.73 20.94
C GLN A 221 -6.29 15.69 19.47
N ASP A 222 -5.35 15.35 18.59
CA ASP A 222 -5.62 15.23 17.15
C ASP A 222 -6.80 14.30 16.93
N ILE A 223 -6.75 13.14 17.60
CA ILE A 223 -7.81 12.17 17.44
C ILE A 223 -9.13 12.72 17.96
N LYS A 224 -9.10 13.31 19.15
CA LYS A 224 -10.31 13.89 19.74
C LYS A 224 -10.94 14.88 18.78
N GLU A 225 -10.12 15.66 18.08
CA GLU A 225 -10.64 16.64 17.12
C GLU A 225 -11.33 15.98 15.93
N VAL A 226 -10.67 14.97 15.36
CA VAL A 226 -11.22 14.23 14.23
C VAL A 226 -12.54 13.56 14.60
N LEU A 227 -12.56 12.90 15.77
CA LEU A 227 -13.72 12.17 16.22
C LEU A 227 -14.86 13.10 16.66
N ASP A 228 -14.51 14.35 16.96
CA ASP A 228 -15.52 15.34 17.37
C ASP A 228 -15.96 16.20 16.19
#